data_8Z86
#
_entry.id   8Z86
#
_cell.length_a   1.00
_cell.length_b   1.00
_cell.length_c   1.00
_cell.angle_alpha   90.00
_cell.angle_beta   90.00
_cell.angle_gamma   90.00
#
_symmetry.space_group_name_H-M   'P 1'
#
loop_
_entity.id
_entity.type
_entity.pdbx_description
1 polymer 'Spike protein S1'
2 polymer 'CR9 heavy chain'
3 polymer 'CR9 light chain'
#
loop_
_entity_poly.entity_id
_entity_poly.type
_entity_poly.pdbx_seq_one_letter_code
_entity_poly.pdbx_strand_id
1 'polypeptide(L)'
;MFVFLVLLPLVSSRFPNITNLCPFDEVFNATRFASVYAWNRKRISNCVADYSVLYNFAPFFAFKCYGVSPTKLNDLCFTN
VYADSFVIRGNEVSQIAPGQTGNIADYNYKLPDDFTGCVIAWNSNKLDSKVGGNYNYRYRLFRKSNLKPFERDISTEIYQ
AGNKPCNGVAGVNCYFPLQSYGFRPTYGVGHQPYRVVVLSFELLHAPATVCGPKHHHHHHHH
;
A
2 'polypeptide(L)'
;VQLVQSGGGLVQPGGSLRLSCAASGITVSANYMNWVRQAPGKGLEWVSLIYAGGSTFYADSVKGRFTISRHNSNNTLYLQ
MNSLRPEDTAMYYCARDLLEAGGMDVWGQGTAVTV
;
H
3 'polypeptide(L)'
;ELVLTQSPGTLSLSPGERATLSCRASLSVSSNFLAWYQQKPGQAPRLLVYGASSRATDIPDRISGSGSGTDFTLNISRLE
PEDFAVYYCQYSDGSSWTFGQGTRLEI
;
L
#
# COMPACT_ATOMS: atom_id res chain seq x y z
N CYS A 22 -9.73 30.92 -19.75
CA CYS A 22 -9.74 30.04 -18.59
C CYS A 22 -11.00 29.18 -18.60
N PRO A 23 -11.08 28.21 -19.52
CA PRO A 23 -12.34 27.50 -19.72
C PRO A 23 -12.58 26.38 -18.72
N PHE A 24 -11.49 25.83 -18.17
CA PHE A 24 -11.52 24.62 -17.33
C PHE A 24 -12.21 23.46 -18.07
N ASP A 25 -11.95 23.35 -19.36
CA ASP A 25 -12.57 22.33 -20.20
C ASP A 25 -11.55 21.41 -20.86
N GLU A 26 -10.28 21.53 -20.49
CA GLU A 26 -9.26 20.60 -20.93
C GLU A 26 -8.78 19.66 -19.82
N VAL A 27 -8.71 20.15 -18.57
CA VAL A 27 -8.46 19.24 -17.46
C VAL A 27 -9.67 18.36 -17.20
N PHE A 28 -10.87 18.86 -17.47
CA PHE A 28 -12.07 18.04 -17.48
C PHE A 28 -12.46 17.69 -18.92
N ASN A 29 -13.24 16.62 -19.05
CA ASN A 29 -13.82 16.19 -20.33
C ASN A 29 -12.74 15.92 -21.39
N ALA A 30 -11.64 15.30 -20.96
CA ALA A 30 -10.53 14.99 -21.86
C ALA A 30 -10.36 13.49 -21.99
N THR A 31 -9.97 13.05 -23.18
CA THR A 31 -9.74 11.64 -23.44
C THR A 31 -8.37 11.15 -22.96
N ARG A 32 -7.48 12.06 -22.60
CA ARG A 32 -6.15 11.70 -22.12
C ARG A 32 -5.98 12.17 -20.68
N PHE A 33 -5.51 11.25 -19.84
CA PHE A 33 -5.31 11.53 -18.41
C PHE A 33 -4.03 10.83 -17.99
N ALA A 34 -3.11 11.58 -17.39
CA ALA A 34 -1.81 11.04 -17.04
C ALA A 34 -1.93 10.13 -15.82
N SER A 35 -0.86 9.38 -15.57
CA SER A 35 -0.77 8.50 -14.41
C SER A 35 -0.46 9.31 -13.16
N VAL A 36 -0.30 8.63 -12.02
CA VAL A 36 0.00 9.31 -10.78
C VAL A 36 1.40 9.91 -10.83
N TYR A 37 2.38 9.12 -11.24
CA TYR A 37 3.66 9.70 -11.61
C TYR A 37 3.54 10.36 -12.98
N ALA A 38 4.41 11.34 -13.24
CA ALA A 38 4.38 12.17 -14.44
C ALA A 38 3.02 12.83 -14.62
N TRP A 39 2.48 13.34 -13.50
CA TRP A 39 1.15 13.93 -13.52
C TRP A 39 1.14 15.23 -14.30
N ASN A 40 0.07 15.46 -15.06
CA ASN A 40 -0.06 16.66 -15.85
C ASN A 40 -0.26 17.87 -14.96
N ARG A 41 0.07 19.05 -15.50
CA ARG A 41 -0.07 20.29 -14.76
C ARG A 41 -0.21 21.43 -15.76
N LYS A 42 -1.35 22.12 -15.72
CA LYS A 42 -1.66 23.16 -16.68
C LYS A 42 -1.87 24.47 -15.95
N ARG A 43 -1.16 25.52 -16.38
CA ARG A 43 -1.38 26.85 -15.85
C ARG A 43 -2.58 27.48 -16.54
N ILE A 44 -3.36 28.24 -15.77
CA ILE A 44 -4.61 28.83 -16.24
C ILE A 44 -4.41 30.34 -16.21
N SER A 45 -3.19 30.76 -16.53
CA SER A 45 -2.78 32.15 -16.34
C SER A 45 -3.50 33.12 -17.28
N ASN A 46 -3.83 34.29 -16.73
CA ASN A 46 -4.26 35.52 -17.42
C ASN A 46 -5.34 35.28 -18.49
N CYS A 47 -6.51 34.85 -18.04
CA CYS A 47 -7.66 34.76 -18.93
C CYS A 47 -8.92 35.02 -18.11
N VAL A 48 -10.07 34.67 -18.67
CA VAL A 48 -11.38 34.94 -18.07
C VAL A 48 -11.87 33.66 -17.41
N ALA A 49 -11.86 33.63 -16.08
CA ALA A 49 -12.29 32.46 -15.33
C ALA A 49 -13.80 32.47 -15.12
N ASP A 50 -14.36 31.27 -14.99
CA ASP A 50 -15.79 31.11 -14.77
C ASP A 50 -16.00 29.83 -13.97
N TYR A 51 -16.24 29.99 -12.66
CA TYR A 51 -16.45 28.85 -11.78
C TYR A 51 -17.89 28.40 -11.68
N SER A 52 -18.82 29.12 -12.32
CA SER A 52 -20.22 28.71 -12.31
C SER A 52 -20.44 27.47 -13.16
N VAL A 53 -19.62 27.29 -14.20
CA VAL A 53 -19.70 26.09 -15.04
C VAL A 53 -18.95 24.91 -14.45
N LEU A 54 -18.22 25.11 -13.35
CA LEU A 54 -17.40 24.06 -12.78
C LEU A 54 -18.21 22.94 -12.13
N TYR A 55 -19.46 23.21 -11.75
CA TYR A 55 -20.22 22.26 -10.93
C TYR A 55 -20.88 21.14 -11.74
N ASN A 56 -21.34 21.41 -12.96
CA ASN A 56 -22.18 20.45 -13.68
C ASN A 56 -21.34 19.60 -14.64
N PHE A 57 -20.60 18.66 -14.04
CA PHE A 57 -19.99 17.53 -14.73
C PHE A 57 -20.29 16.24 -13.97
N ALA A 58 -21.59 16.05 -13.65
CA ALA A 58 -22.21 14.94 -12.92
C ALA A 58 -21.82 15.00 -11.44
N PRO A 59 -22.59 14.35 -10.54
CA PRO A 59 -22.19 14.32 -9.12
C PRO A 59 -20.82 13.69 -8.89
N PHE A 60 -19.88 14.51 -8.41
CA PHE A 60 -18.53 14.05 -8.16
C PHE A 60 -18.48 13.16 -6.93
N PHE A 61 -17.46 12.30 -6.88
CA PHE A 61 -17.25 11.50 -5.68
C PHE A 61 -16.81 12.35 -4.51
N ALA A 62 -16.06 13.42 -4.77
CA ALA A 62 -15.65 14.35 -3.74
C ALA A 62 -15.41 15.71 -4.38
N PHE A 63 -15.84 16.76 -3.69
CA PHE A 63 -15.58 18.13 -4.11
C PHE A 63 -15.11 18.94 -2.89
N LYS A 64 -14.17 18.35 -2.15
CA LYS A 64 -13.67 18.96 -0.92
C LYS A 64 -12.86 20.20 -1.26
N CYS A 65 -13.20 21.32 -0.62
CA CYS A 65 -12.49 22.58 -0.81
C CYS A 65 -11.70 22.89 0.46
N TYR A 66 -10.39 22.68 0.39
CA TYR A 66 -9.52 22.74 1.57
C TYR A 66 -9.09 24.16 1.91
N GLY A 67 -9.25 25.11 1.01
CA GLY A 67 -8.86 26.47 1.26
C GLY A 67 -10.04 27.40 1.36
N VAL A 68 -10.33 28.12 0.27
CA VAL A 68 -11.47 29.01 0.24
C VAL A 68 -12.77 28.21 0.26
N SER A 69 -13.85 28.89 0.63
CA SER A 69 -15.16 28.25 0.65
C SER A 69 -15.62 28.00 -0.78
N PRO A 70 -16.20 26.82 -1.06
CA PRO A 70 -16.66 26.53 -2.43
C PRO A 70 -17.77 27.45 -2.91
N THR A 71 -18.62 27.93 -2.01
CA THR A 71 -19.69 28.83 -2.42
C THR A 71 -19.16 30.25 -2.65
N LYS A 72 -18.07 30.61 -1.97
CA LYS A 72 -17.51 31.95 -2.14
C LYS A 72 -16.45 31.99 -3.23
N LEU A 73 -16.05 30.82 -3.74
CA LEU A 73 -14.95 30.72 -4.68
C LEU A 73 -15.32 31.30 -6.05
N ASN A 74 -16.62 31.45 -6.31
CA ASN A 74 -17.05 31.98 -7.60
C ASN A 74 -16.72 33.45 -7.76
N ASP A 75 -16.74 34.21 -6.67
CA ASP A 75 -16.62 35.67 -6.74
C ASP A 75 -15.43 36.24 -5.96
N LEU A 76 -14.58 35.39 -5.39
CA LEU A 76 -13.45 35.91 -4.62
C LEU A 76 -12.24 36.20 -5.51
N CYS A 77 -11.24 36.86 -4.92
CA CYS A 77 -10.07 37.31 -5.67
C CYS A 77 -8.92 36.33 -5.47
N PHE A 78 -8.38 35.84 -6.58
CA PHE A 78 -7.28 34.88 -6.55
C PHE A 78 -6.13 35.37 -7.44
N THR A 79 -5.20 34.47 -7.71
CA THR A 79 -3.99 34.73 -8.47
C THR A 79 -3.83 33.52 -9.40
N ASN A 80 -2.62 33.30 -9.91
CA ASN A 80 -2.36 32.18 -10.82
C ASN A 80 -2.71 30.84 -10.17
N VAL A 81 -3.52 30.05 -10.87
CA VAL A 81 -3.95 28.74 -10.38
C VAL A 81 -3.35 27.66 -11.26
N TYR A 82 -3.28 26.46 -10.71
CA TYR A 82 -2.74 25.29 -11.41
C TYR A 82 -3.71 24.13 -11.26
N ALA A 83 -3.98 23.44 -12.36
CA ALA A 83 -4.94 22.34 -12.39
C ALA A 83 -4.22 21.05 -12.72
N ASP A 84 -4.05 20.19 -11.71
CA ASP A 84 -3.36 18.92 -11.88
C ASP A 84 -4.32 17.90 -12.48
N SER A 85 -3.79 16.70 -12.79
CA SER A 85 -4.58 15.68 -13.47
C SER A 85 -3.94 14.33 -13.27
N PHE A 86 -4.65 13.40 -12.63
CA PHE A 86 -4.18 12.03 -12.42
C PHE A 86 -5.27 11.05 -12.86
N VAL A 87 -4.96 9.76 -12.66
CA VAL A 87 -5.96 8.73 -12.40
C VAL A 87 -5.51 8.03 -11.12
N ILE A 88 -6.47 7.69 -10.27
CA ILE A 88 -6.15 7.24 -8.91
C ILE A 88 -7.13 6.14 -8.51
N ARG A 89 -6.62 5.10 -7.86
CA ARG A 89 -7.45 4.00 -7.40
C ARG A 89 -8.44 4.47 -6.34
N GLY A 90 -9.59 3.80 -6.27
CA GLY A 90 -10.72 4.32 -5.52
C GLY A 90 -10.49 4.42 -4.02
N ASN A 91 -9.90 3.39 -3.42
CA ASN A 91 -9.70 3.39 -1.99
C ASN A 91 -8.56 4.29 -1.52
N GLU A 92 -7.76 4.84 -2.43
CA GLU A 92 -6.69 5.77 -2.09
C GLU A 92 -6.92 7.13 -2.73
N VAL A 93 -8.16 7.60 -2.72
CA VAL A 93 -8.44 8.98 -3.08
C VAL A 93 -8.48 9.87 -1.85
N SER A 94 -8.47 9.29 -0.65
CA SER A 94 -8.46 10.05 0.59
C SER A 94 -7.05 10.42 1.03
N GLN A 95 -6.03 10.07 0.26
CA GLN A 95 -4.65 10.46 0.54
C GLN A 95 -4.25 11.74 -0.21
N ILE A 96 -5.22 12.55 -0.62
CA ILE A 96 -4.96 13.84 -1.25
C ILE A 96 -5.21 15.00 -0.28
N ALA A 97 -5.56 14.69 0.96
CA ALA A 97 -5.64 15.68 2.01
C ALA A 97 -4.22 16.17 2.34
N PRO A 98 -4.07 17.41 2.84
CA PRO A 98 -2.73 18.04 2.88
C PRO A 98 -1.65 17.28 3.66
N GLY A 99 -1.96 16.67 4.80
CA GLY A 99 -0.95 15.81 5.35
C GLY A 99 -1.38 14.38 5.64
N GLN A 100 -1.00 13.48 4.74
CA GLN A 100 -1.33 12.06 4.77
C GLN A 100 -0.09 11.25 4.45
N THR A 101 -0.14 9.97 4.78
CA THR A 101 0.94 9.03 4.50
C THR A 101 0.41 7.93 3.60
N GLY A 102 1.18 7.59 2.58
CA GLY A 102 0.79 6.56 1.64
C GLY A 102 1.62 6.66 0.38
N ASN A 103 1.42 5.66 -0.50
CA ASN A 103 2.16 5.63 -1.76
C ASN A 103 1.80 6.82 -2.64
N ILE A 104 0.51 7.12 -2.78
CA ILE A 104 0.10 8.28 -3.55
C ILE A 104 0.46 9.56 -2.82
N ALA A 105 0.29 9.58 -1.50
CA ALA A 105 0.47 10.81 -0.73
C ALA A 105 1.94 11.18 -0.53
N ASP A 106 2.82 10.19 -0.37
CA ASP A 106 4.19 10.48 0.02
C ASP A 106 5.22 10.22 -1.07
N TYR A 107 4.91 9.40 -2.08
CA TYR A 107 5.90 9.02 -3.07
C TYR A 107 5.65 9.56 -4.47
N ASN A 108 4.41 9.88 -4.83
CA ASN A 108 4.10 10.32 -6.18
C ASN A 108 3.60 11.76 -6.21
N TYR A 109 2.65 12.12 -5.37
CA TYR A 109 2.03 13.45 -5.38
C TYR A 109 1.75 13.87 -3.95
N LYS A 110 2.61 14.73 -3.41
CA LYS A 110 2.43 15.26 -2.06
C LYS A 110 1.90 16.68 -2.14
N LEU A 111 1.02 17.02 -1.20
CA LEU A 111 0.41 18.33 -1.11
C LEU A 111 0.96 19.08 0.10
N PRO A 112 1.16 20.40 -0.01
CA PRO A 112 1.66 21.15 1.15
C PRO A 112 0.62 21.22 2.25
N ASP A 113 1.12 21.34 3.49
CA ASP A 113 0.22 21.37 4.64
C ASP A 113 -0.61 22.65 4.67
N ASP A 114 -0.07 23.76 4.17
CA ASP A 114 -0.83 25.00 4.06
C ASP A 114 -1.48 25.09 2.67
N PHE A 115 -2.39 24.16 2.43
CA PHE A 115 -3.06 24.05 1.15
C PHE A 115 -4.15 25.09 1.00
N THR A 116 -4.42 25.48 -0.26
CA THR A 116 -5.49 26.43 -0.57
C THR A 116 -6.28 26.00 -1.80
N GLY A 117 -6.38 24.70 -2.05
CA GLY A 117 -7.00 24.18 -3.25
C GLY A 117 -8.31 23.44 -2.98
N CYS A 118 -8.81 22.81 -4.04
CA CYS A 118 -10.08 22.09 -4.01
C CYS A 118 -9.93 20.82 -4.85
N VAL A 119 -9.62 19.71 -4.19
CA VAL A 119 -9.50 18.43 -4.89
C VAL A 119 -10.88 17.93 -5.30
N ILE A 120 -11.02 17.50 -6.55
CA ILE A 120 -12.28 17.02 -7.10
C ILE A 120 -12.04 15.68 -7.81
N ALA A 121 -12.85 14.68 -7.46
CA ALA A 121 -12.75 13.37 -8.10
C ALA A 121 -13.71 13.28 -9.27
N TRP A 122 -13.77 12.11 -9.91
CA TRP A 122 -14.59 11.94 -11.10
C TRP A 122 -15.50 10.72 -11.06
N ASN A 123 -15.04 9.65 -10.41
CA ASN A 123 -15.70 8.33 -10.40
C ASN A 123 -15.95 7.83 -11.82
N SER A 124 -14.86 7.59 -12.54
CA SER A 124 -14.92 7.09 -13.91
C SER A 124 -14.61 5.59 -13.91
N ASN A 125 -15.52 4.80 -14.49
CA ASN A 125 -15.33 3.37 -14.58
C ASN A 125 -15.54 2.77 -15.96
N LYS A 126 -16.07 3.53 -16.92
CA LYS A 126 -16.31 3.04 -18.27
C LYS A 126 -15.46 3.76 -19.30
N LEU A 127 -14.61 4.70 -18.89
CA LEU A 127 -13.78 5.45 -19.82
C LEU A 127 -12.28 5.25 -19.63
N ASP A 128 -11.84 4.78 -18.46
CA ASP A 128 -10.43 4.60 -18.17
C ASP A 128 -10.15 3.17 -17.70
N SER A 129 -10.92 2.20 -18.17
CA SER A 129 -10.74 0.82 -17.77
C SER A 129 -11.21 -0.08 -18.91
N LYS A 130 -10.27 -0.71 -19.60
CA LYS A 130 -10.59 -1.61 -20.70
C LYS A 130 -11.12 -2.93 -20.15
N VAL A 131 -11.68 -3.73 -21.07
CA VAL A 131 -12.24 -5.03 -20.69
C VAL A 131 -11.13 -5.98 -20.25
N GLY A 132 -10.04 -6.04 -21.02
CA GLY A 132 -8.91 -6.87 -20.66
C GLY A 132 -7.94 -6.28 -19.67
N GLY A 133 -8.21 -5.08 -19.18
CA GLY A 133 -7.33 -4.41 -18.25
C GLY A 133 -6.53 -3.30 -18.89
N ASN A 134 -5.95 -2.46 -18.04
CA ASN A 134 -5.14 -1.33 -18.47
C ASN A 134 -3.78 -1.40 -17.81
N TYR A 135 -2.72 -1.28 -18.61
CA TYR A 135 -1.36 -1.30 -18.11
C TYR A 135 -0.57 -0.04 -18.46
N ASN A 136 -1.18 0.93 -19.12
CA ASN A 136 -0.55 2.22 -19.33
C ASN A 136 -0.83 3.19 -18.20
N TYR A 137 -1.53 2.76 -17.16
CA TYR A 137 -1.79 3.56 -15.97
C TYR A 137 -0.90 3.01 -14.85
N ARG A 138 0.11 3.78 -14.47
CA ARG A 138 1.13 3.32 -13.54
C ARG A 138 1.21 4.21 -12.32
N TYR A 139 1.99 3.77 -11.34
CA TYR A 139 2.27 4.53 -10.13
C TYR A 139 3.56 3.98 -9.52
N ARG A 140 4.33 4.86 -8.89
CA ARG A 140 5.61 4.48 -8.31
C ARG A 140 5.39 3.91 -6.92
N LEU A 141 6.01 2.76 -6.66
CA LEU A 141 5.90 2.11 -5.36
C LEU A 141 7.15 2.25 -4.52
N PHE A 142 8.33 2.31 -5.13
CA PHE A 142 9.60 2.34 -4.42
C PHE A 142 10.27 3.70 -4.57
N ARG A 143 10.72 4.25 -3.45
CA ARG A 143 11.54 5.46 -3.46
C ARG A 143 12.39 5.46 -2.20
N LYS A 144 13.61 5.98 -2.34
CA LYS A 144 14.57 5.98 -1.24
C LYS A 144 14.38 7.15 -0.29
N SER A 145 13.47 8.08 -0.59
CA SER A 145 13.23 9.23 0.26
C SER A 145 11.82 9.74 0.01
N ASN A 146 11.35 10.59 0.92
CA ASN A 146 10.04 11.19 0.76
C ASN A 146 10.07 12.26 -0.32
N LEU A 147 8.91 12.81 -0.61
CA LEU A 147 8.73 13.76 -1.71
C LEU A 147 8.44 15.15 -1.16
N LYS A 148 9.17 16.14 -1.67
CA LYS A 148 8.79 17.53 -1.46
C LYS A 148 7.43 17.76 -2.13
N PRO A 149 6.54 18.53 -1.51
CA PRO A 149 5.21 18.76 -2.12
C PRO A 149 5.31 19.45 -3.48
N PHE A 150 4.40 19.06 -4.37
CA PHE A 150 4.29 19.58 -5.74
C PHE A 150 5.57 19.36 -6.52
N GLU A 151 5.91 18.09 -6.72
CA GLU A 151 7.14 17.71 -7.40
C GLU A 151 6.87 16.62 -8.41
N ARG A 152 7.14 16.89 -9.68
CA ARG A 152 7.10 15.85 -10.70
C ARG A 152 8.22 14.85 -10.46
N ASP A 153 7.93 13.58 -10.71
CA ASP A 153 8.80 12.49 -10.28
C ASP A 153 8.99 11.50 -11.45
N ILE A 154 9.37 12.03 -12.61
CA ILE A 154 9.72 11.17 -13.73
C ILE A 154 11.04 10.48 -13.45
N SER A 155 11.07 9.16 -13.57
CA SER A 155 12.26 8.35 -13.30
C SER A 155 12.02 6.95 -13.84
N THR A 156 13.10 6.28 -14.21
CA THR A 156 13.00 4.94 -14.77
C THR A 156 13.96 3.97 -14.07
N GLU A 157 15.10 4.49 -13.61
CA GLU A 157 16.23 3.65 -13.21
C GLU A 157 15.91 2.83 -11.97
N ILE A 158 16.66 1.75 -11.80
CA ILE A 158 16.27 0.64 -10.93
C ILE A 158 16.55 0.97 -9.47
N TYR A 159 15.64 0.53 -8.61
CA TYR A 159 15.79 0.63 -7.17
C TYR A 159 16.78 -0.40 -6.65
N GLN A 160 17.47 -0.06 -5.56
CA GLN A 160 18.40 -0.97 -4.89
C GLN A 160 18.00 -1.12 -3.42
N ALA A 161 17.42 -2.25 -3.09
CA ALA A 161 17.04 -2.57 -1.71
C ALA A 161 18.02 -3.54 -1.07
N GLY A 162 19.27 -3.12 -0.92
CA GLY A 162 20.24 -3.98 -0.28
C GLY A 162 21.66 -3.53 -0.53
N ASN A 163 22.59 -4.34 0.00
CA ASN A 163 24.02 -4.08 -0.10
C ASN A 163 24.58 -4.68 -1.40
N LYS A 164 24.01 -4.25 -2.52
CA LYS A 164 24.45 -4.66 -3.84
C LYS A 164 23.98 -3.63 -4.86
N PRO A 165 24.89 -3.07 -5.67
CA PRO A 165 24.47 -2.14 -6.71
C PRO A 165 23.57 -2.82 -7.74
N CYS A 166 22.52 -2.12 -8.14
CA CYS A 166 21.63 -2.55 -9.23
C CYS A 166 22.05 -1.70 -10.43
N ASN A 167 23.05 -2.17 -11.17
CA ASN A 167 23.67 -1.41 -12.24
C ASN A 167 22.70 -1.10 -13.38
N GLY A 168 22.26 -2.12 -14.09
CA GLY A 168 21.36 -1.93 -15.20
C GLY A 168 20.35 -3.05 -15.38
N VAL A 169 20.32 -3.99 -14.45
CA VAL A 169 19.46 -5.15 -14.56
C VAL A 169 18.69 -5.34 -13.25
N ALA A 170 17.44 -5.73 -13.32
CA ALA A 170 16.74 -5.99 -12.06
C ALA A 170 17.36 -7.22 -11.42
N GLY A 171 16.65 -7.84 -10.48
CA GLY A 171 17.21 -9.08 -9.93
C GLY A 171 17.08 -9.09 -8.42
N VAL A 172 17.27 -10.23 -7.77
CA VAL A 172 17.01 -10.25 -6.31
C VAL A 172 17.67 -9.02 -5.70
N ASN A 173 16.98 -8.38 -4.78
CA ASN A 173 17.51 -7.12 -4.24
C ASN A 173 17.52 -6.14 -5.41
N CYS A 174 16.48 -6.11 -6.23
CA CYS A 174 16.32 -5.03 -7.25
C CYS A 174 14.84 -5.04 -7.67
N TYR A 175 14.19 -3.90 -7.89
CA TYR A 175 12.82 -3.91 -8.40
C TYR A 175 12.71 -2.76 -9.34
N PHE A 176 11.89 -2.82 -10.42
CA PHE A 176 11.63 -1.66 -11.32
C PHE A 176 10.62 -0.79 -10.61
N PRO A 177 10.94 0.41 -10.19
CA PRO A 177 10.12 1.21 -9.28
C PRO A 177 8.91 1.85 -9.94
N LEU A 178 8.16 1.06 -10.72
CA LEU A 178 6.93 1.52 -11.34
C LEU A 178 6.03 0.30 -11.53
N GLN A 179 4.84 0.36 -10.97
CA GLN A 179 3.90 -0.75 -11.04
C GLN A 179 2.66 -0.35 -11.82
N SER A 180 2.20 -1.24 -12.69
CA SER A 180 0.95 -1.03 -13.40
C SER A 180 -0.22 -1.13 -12.43
N TYR A 181 -1.25 -0.32 -12.68
CA TYR A 181 -2.41 -0.34 -11.79
C TYR A 181 -3.26 -1.58 -12.02
N GLY A 182 -3.81 -1.72 -13.22
CA GLY A 182 -4.76 -2.77 -13.50
C GLY A 182 -6.16 -2.26 -13.21
N PHE A 183 -6.98 -2.07 -14.25
CA PHE A 183 -8.31 -1.49 -14.11
C PHE A 183 -9.28 -2.35 -14.91
N ARG A 184 -9.81 -3.35 -14.28
CA ARG A 184 -10.81 -4.21 -14.89
C ARG A 184 -12.20 -3.82 -14.42
N PRO A 185 -13.24 -4.10 -15.22
CA PRO A 185 -14.61 -3.87 -14.75
C PRO A 185 -14.97 -4.82 -13.62
N THR A 186 -16.07 -4.47 -12.94
CA THR A 186 -16.57 -5.17 -11.75
C THR A 186 -15.49 -5.26 -10.67
N TYR A 187 -15.08 -4.09 -10.18
CA TYR A 187 -14.09 -3.99 -9.13
C TYR A 187 -14.62 -3.32 -7.87
N GLY A 188 -15.84 -2.78 -7.90
CA GLY A 188 -16.44 -2.17 -6.74
C GLY A 188 -16.40 -0.65 -6.79
N VAL A 189 -16.88 -0.04 -5.71
CA VAL A 189 -16.78 1.41 -5.56
C VAL A 189 -15.32 1.81 -5.45
N GLY A 190 -14.56 1.11 -4.60
CA GLY A 190 -13.12 1.22 -4.62
C GLY A 190 -12.52 0.41 -5.74
N HIS A 191 -11.18 0.47 -5.82
CA HIS A 191 -10.39 -0.25 -6.82
C HIS A 191 -10.79 0.10 -8.25
N GLN A 192 -11.25 1.33 -8.47
CA GLN A 192 -11.64 1.79 -9.79
C GLN A 192 -11.00 3.14 -10.06
N PRO A 193 -10.63 3.42 -11.32
CA PRO A 193 -9.78 4.59 -11.58
C PRO A 193 -10.49 5.92 -11.43
N TYR A 194 -10.23 6.62 -10.33
CA TYR A 194 -10.82 7.93 -10.10
C TYR A 194 -9.91 8.97 -10.75
N ARG A 195 -10.43 9.66 -11.76
CA ARG A 195 -9.72 10.82 -12.28
C ARG A 195 -9.78 11.93 -11.25
N VAL A 196 -8.64 12.51 -10.91
CA VAL A 196 -8.53 13.49 -9.85
C VAL A 196 -7.91 14.76 -10.40
N VAL A 197 -8.60 15.88 -10.19
CA VAL A 197 -8.08 17.20 -10.53
C VAL A 197 -7.87 17.95 -9.22
N VAL A 198 -6.69 18.51 -9.04
CA VAL A 198 -6.35 19.24 -7.82
C VAL A 198 -6.09 20.69 -8.23
N LEU A 199 -7.13 21.51 -8.18
CA LEU A 199 -7.03 22.92 -8.56
C LEU A 199 -6.39 23.69 -7.41
N SER A 200 -5.08 23.84 -7.47
CA SER A 200 -4.38 24.65 -6.48
C SER A 200 -4.62 26.13 -6.76
N PHE A 201 -4.72 26.93 -5.70
CA PHE A 201 -5.02 28.35 -5.82
C PHE A 201 -3.96 29.20 -5.15
N GLU A 202 -2.69 28.94 -5.44
CA GLU A 202 -1.60 29.66 -4.81
C GLU A 202 -1.60 31.13 -5.23
N LEU A 203 -1.22 31.99 -4.30
CA LEU A 203 -1.21 33.44 -4.50
C LEU A 203 0.22 33.93 -4.58
N LEU A 204 0.54 34.66 -5.65
CA LEU A 204 1.88 35.19 -5.87
C LEU A 204 1.92 36.71 -5.88
N HIS A 205 0.86 37.36 -5.36
CA HIS A 205 0.75 38.81 -5.19
C HIS A 205 0.79 39.57 -6.51
N ALA A 206 0.56 38.89 -7.64
CA ALA A 206 0.48 39.51 -8.97
C ALA A 206 -0.75 38.95 -9.66
N PRO A 207 -1.93 39.52 -9.40
CA PRO A 207 -3.17 38.91 -9.91
C PRO A 207 -3.30 39.07 -11.42
N ALA A 208 -3.72 37.99 -12.06
CA ALA A 208 -3.96 37.96 -13.50
C ALA A 208 -5.34 37.46 -13.86
N THR A 209 -5.87 36.48 -13.13
CA THR A 209 -7.20 35.97 -13.40
C THR A 209 -8.27 36.92 -12.86
N VAL A 210 -9.52 36.64 -13.21
CA VAL A 210 -10.62 37.51 -12.78
C VAL A 210 -10.89 37.30 -11.29
N CYS A 211 -11.60 38.27 -10.71
CA CYS A 211 -11.91 38.30 -9.29
C CYS A 211 -13.39 38.50 -9.07
N GLY A 212 -14.20 37.72 -9.78
CA GLY A 212 -15.64 37.76 -9.64
C GLY A 212 -16.33 38.26 -10.90
N PRO A 213 -16.88 37.33 -11.69
CA PRO A 213 -17.65 37.73 -12.87
C PRO A 213 -19.04 38.21 -12.48
N LYS A 214 -19.44 39.36 -13.02
CA LYS A 214 -20.75 39.92 -12.74
C LYS A 214 -21.19 40.84 -13.88
N VAL B 1 17.79 -10.80 2.49
CA VAL B 1 18.79 -11.85 2.35
C VAL B 1 18.90 -12.65 3.64
N GLN B 2 19.19 -11.96 4.74
CA GLN B 2 19.43 -12.63 6.01
C GLN B 2 19.17 -11.64 7.14
N LEU B 3 18.13 -11.88 7.92
CA LEU B 3 17.76 -11.02 9.05
C LEU B 3 17.63 -11.85 10.32
N VAL B 4 18.25 -11.38 11.40
CA VAL B 4 18.14 -12.00 12.72
C VAL B 4 17.53 -10.98 13.68
N GLN B 5 17.09 -11.47 14.85
CA GLN B 5 16.57 -10.58 15.87
C GLN B 5 16.75 -11.20 17.25
N SER B 6 16.71 -10.33 18.25
CA SER B 6 16.79 -10.73 19.65
C SER B 6 16.31 -9.56 20.50
N GLY B 7 16.04 -9.84 21.78
CA GLY B 7 15.69 -8.78 22.69
C GLY B 7 14.38 -8.99 23.43
N GLY B 8 13.89 -10.22 23.48
CA GLY B 8 12.66 -10.52 24.18
C GLY B 8 12.88 -10.74 25.66
N GLY B 9 11.81 -11.18 26.32
CA GLY B 9 11.88 -11.46 27.74
C GLY B 9 10.51 -11.42 28.37
N LEU B 10 10.51 -11.52 29.69
CA LEU B 10 9.29 -11.49 30.50
C LEU B 10 9.15 -10.10 31.13
N VAL B 11 8.01 -9.46 30.92
CA VAL B 11 7.81 -8.08 31.32
C VAL B 11 6.51 -7.97 32.13
N GLN B 12 6.59 -7.26 33.26
CA GLN B 12 5.44 -6.99 34.11
C GLN B 12 4.48 -6.06 33.38
N PRO B 13 3.16 -6.17 33.64
CA PRO B 13 2.19 -5.50 32.77
C PRO B 13 2.00 -3.99 32.95
N GLY B 14 2.26 -3.28 31.85
CA GLY B 14 2.46 -1.84 31.87
C GLY B 14 3.91 -1.42 31.75
N GLY B 15 4.84 -2.36 31.83
CA GLY B 15 6.23 -2.06 31.57
C GLY B 15 6.56 -2.18 30.09
N SER B 16 7.65 -1.53 29.70
CA SER B 16 8.05 -1.43 28.30
C SER B 16 9.23 -2.35 28.01
N LEU B 17 9.11 -3.15 26.96
CA LEU B 17 10.20 -4.00 26.50
C LEU B 17 10.68 -3.51 25.14
N ARG B 18 11.98 -3.27 25.03
CA ARG B 18 12.57 -2.76 23.81
C ARG B 18 12.84 -3.92 22.86
N LEU B 19 12.29 -3.84 21.65
CA LEU B 19 12.38 -4.93 20.69
C LEU B 19 13.33 -4.55 19.56
N SER B 20 14.05 -5.53 19.04
CA SER B 20 15.10 -5.29 18.05
C SER B 20 14.98 -6.27 16.90
N CYS B 21 15.52 -5.86 15.76
CA CYS B 21 15.63 -6.71 14.57
C CYS B 21 16.83 -6.24 13.78
N ALA B 22 17.92 -6.99 13.82
CA ALA B 22 19.07 -6.68 12.99
C ALA B 22 18.85 -7.19 11.57
N ALA B 23 19.80 -6.88 10.69
CA ALA B 23 19.73 -7.33 9.31
C ALA B 23 21.14 -7.59 8.80
N SER B 24 21.20 -8.22 7.63
CA SER B 24 22.47 -8.48 6.95
C SER B 24 22.19 -8.59 5.46
N GLY B 25 22.78 -7.69 4.68
CA GLY B 25 22.53 -7.64 3.26
C GLY B 25 21.30 -6.88 2.85
N ILE B 26 20.51 -6.37 3.80
CA ILE B 26 19.32 -5.59 3.52
C ILE B 26 19.45 -4.27 4.27
N THR B 27 19.36 -3.16 3.52
CA THR B 27 19.42 -1.83 4.12
C THR B 27 18.00 -1.45 4.57
N VAL B 28 17.81 -1.35 5.88
CA VAL B 28 16.49 -0.98 6.42
C VAL B 28 16.21 0.50 6.28
N SER B 29 17.21 1.30 5.91
CA SER B 29 17.01 2.73 5.75
C SER B 29 16.15 3.06 4.54
N ALA B 30 16.01 2.14 3.59
CA ALA B 30 15.12 2.34 2.45
C ALA B 30 14.57 0.97 2.03
N ASN B 31 13.42 0.61 2.59
CA ASN B 31 12.72 -0.64 2.29
C ASN B 31 11.34 -0.58 2.93
N TYR B 32 10.57 -1.66 2.76
CA TYR B 32 9.21 -1.77 3.27
C TYR B 32 9.21 -2.82 4.38
N MET B 33 9.47 -2.40 5.61
CA MET B 33 9.52 -3.33 6.74
C MET B 33 8.26 -3.22 7.58
N ASN B 34 7.81 -4.37 8.08
CA ASN B 34 6.62 -4.44 8.92
C ASN B 34 6.76 -5.57 9.91
N TRP B 35 5.95 -5.54 10.96
CA TRP B 35 5.97 -6.53 12.02
C TRP B 35 4.67 -7.31 12.05
N VAL B 36 4.77 -8.59 12.43
CA VAL B 36 3.60 -9.47 12.51
C VAL B 36 3.62 -10.18 13.86
N ARG B 37 2.43 -10.54 14.34
CA ARG B 37 2.25 -11.10 15.67
C ARG B 37 1.58 -12.45 15.60
N GLN B 38 2.10 -13.41 16.37
CA GLN B 38 1.45 -14.70 16.58
C GLN B 38 1.12 -14.86 18.05
N ALA B 39 -0.10 -14.52 18.43
CA ALA B 39 -0.61 -14.95 19.73
C ALA B 39 -0.74 -16.46 19.73
N PRO B 40 -0.42 -17.12 20.86
CA PRO B 40 -0.45 -18.59 20.89
C PRO B 40 -1.86 -19.12 20.71
N GLY B 41 -2.00 -20.13 19.85
CA GLY B 41 -3.30 -20.67 19.53
C GLY B 41 -4.14 -19.82 18.61
N LYS B 42 -3.55 -18.78 18.02
CA LYS B 42 -4.26 -17.87 17.13
C LYS B 42 -3.49 -17.69 15.83
N GLY B 43 -4.09 -16.95 14.91
CA GLY B 43 -3.46 -16.64 13.65
C GLY B 43 -2.70 -15.32 13.69
N LEU B 44 -2.07 -15.01 12.56
CA LEU B 44 -1.30 -13.78 12.46
C LEU B 44 -2.20 -12.56 12.25
N GLU B 45 -1.62 -11.39 12.52
CA GLU B 45 -2.25 -10.10 12.25
C GLU B 45 -1.15 -9.05 12.21
N TRP B 46 -1.55 -7.81 11.92
CA TRP B 46 -0.58 -6.74 11.79
C TRP B 46 0.00 -6.42 13.18
N VAL B 47 1.18 -5.80 13.19
CA VAL B 47 1.60 -5.01 14.34
C VAL B 47 1.78 -3.56 13.90
N SER B 48 2.80 -3.31 13.07
CA SER B 48 3.09 -1.97 12.57
C SER B 48 3.88 -2.09 11.28
N LEU B 49 4.16 -0.95 10.66
CA LEU B 49 4.88 -0.91 9.40
C LEU B 49 5.54 0.45 9.23
N ILE B 50 6.75 0.44 8.70
CA ILE B 50 7.52 1.65 8.42
C ILE B 50 7.86 1.66 6.94
N TYR B 51 7.60 2.77 6.28
CA TYR B 51 7.93 2.91 4.87
C TYR B 51 9.43 3.14 4.71
N ALA B 52 9.86 3.26 3.45
CA ALA B 52 11.25 3.66 3.21
C ALA B 52 11.49 5.09 3.67
N GLY B 53 10.51 5.96 3.49
CA GLY B 53 10.53 7.27 4.10
C GLY B 53 10.07 7.20 5.55
N GLY B 54 9.99 8.37 6.17
CA GLY B 54 9.63 8.43 7.58
C GLY B 54 8.14 8.43 7.84
N SER B 55 7.40 7.52 7.22
CA SER B 55 5.97 7.37 7.43
C SER B 55 5.69 6.00 8.02
N THR B 56 4.95 5.98 9.13
CA THR B 56 4.62 4.73 9.80
C THR B 56 3.13 4.43 9.65
N PHE B 57 2.79 3.18 9.98
CA PHE B 57 1.40 2.73 9.96
C PHE B 57 1.16 1.82 11.15
N TYR B 58 -0.07 1.82 11.65
CA TYR B 58 -0.42 1.09 12.84
C TYR B 58 -1.78 0.41 12.66
N ALA B 59 -1.94 -0.74 13.30
CA ALA B 59 -3.27 -1.33 13.39
C ALA B 59 -4.13 -0.52 14.35
N ASP B 60 -5.43 -0.47 14.07
CA ASP B 60 -6.33 0.35 14.88
C ASP B 60 -6.52 -0.21 16.28
N SER B 61 -6.31 -1.51 16.46
CA SER B 61 -6.35 -2.09 17.80
C SER B 61 -5.13 -1.67 18.62
N VAL B 62 -3.97 -1.59 17.98
CA VAL B 62 -2.72 -1.26 18.63
C VAL B 62 -2.23 0.14 18.24
N LYS B 63 -3.14 1.00 17.77
CA LYS B 63 -2.80 2.40 17.53
C LYS B 63 -2.42 3.08 18.83
N GLY B 64 -1.31 3.82 18.80
CA GLY B 64 -0.71 4.33 20.01
C GLY B 64 0.05 3.24 20.74
N ARG B 65 0.65 3.61 21.86
CA ARG B 65 1.43 2.70 22.71
C ARG B 65 2.55 2.01 21.93
N PHE B 66 3.13 2.72 20.96
CA PHE B 66 4.02 2.08 20.00
C PHE B 66 4.96 3.13 19.43
N THR B 67 6.07 2.64 18.87
CA THR B 67 6.95 3.45 18.02
C THR B 67 7.77 2.49 17.17
N ILE B 68 8.26 3.00 16.05
CA ILE B 68 9.20 2.27 15.20
C ILE B 68 10.32 3.21 14.80
N SER B 69 11.56 2.81 15.04
CA SER B 69 12.72 3.57 14.63
C SER B 69 13.70 2.67 13.90
N ARG B 70 14.34 3.22 12.87
CA ARG B 70 15.42 2.54 12.16
C ARG B 70 16.69 3.35 12.36
N HIS B 71 17.73 2.69 12.87
CA HIS B 71 19.01 3.37 13.04
C HIS B 71 19.73 3.48 11.70
N ASN B 72 20.51 4.55 11.57
CA ASN B 72 21.26 4.79 10.34
C ASN B 72 22.68 4.23 10.40
N SER B 73 23.29 4.22 11.58
CA SER B 73 24.64 3.68 11.72
C SER B 73 24.64 2.17 11.53
N ASN B 74 23.75 1.46 12.21
CA ASN B 74 23.57 0.03 12.06
C ASN B 74 22.26 -0.25 11.35
N ASN B 75 22.27 -1.24 10.46
CA ASN B 75 21.10 -1.56 9.65
C ASN B 75 20.07 -2.44 10.38
N THR B 76 19.76 -2.08 11.61
CA THR B 76 18.81 -2.81 12.44
C THR B 76 17.45 -2.11 12.47
N LEU B 77 16.48 -2.81 13.05
CA LEU B 77 15.11 -2.33 13.20
C LEU B 77 14.72 -2.38 14.67
N TYR B 78 14.04 -1.35 15.15
CA TYR B 78 13.67 -1.23 16.56
C TYR B 78 12.20 -0.83 16.68
N LEU B 79 11.49 -1.49 17.59
CA LEU B 79 10.22 -0.97 18.09
C LEU B 79 10.24 -0.99 19.61
N GLN B 80 9.73 0.08 20.22
CA GLN B 80 9.72 0.21 21.66
C GLN B 80 8.29 0.18 22.17
N MET B 81 8.02 -0.73 23.09
CA MET B 81 6.70 -0.88 23.68
C MET B 81 6.42 0.27 24.66
N ASN B 82 5.15 0.40 25.04
CA ASN B 82 4.73 1.39 26.01
C ASN B 82 3.37 0.98 26.57
N SER B 83 3.28 0.95 27.90
CA SER B 83 2.03 0.66 28.64
C SER B 83 1.43 -0.68 28.19
N LEU B 84 2.19 -1.73 28.42
CA LEU B 84 1.86 -3.04 27.88
C LEU B 84 0.64 -3.65 28.58
N ARG B 85 -0.17 -4.34 27.79
CA ARG B 85 -1.36 -5.04 28.21
C ARG B 85 -1.15 -6.55 28.03
N PRO B 86 -1.81 -7.38 28.83
CA PRO B 86 -1.55 -8.81 28.74
C PRO B 86 -2.31 -9.60 27.67
N GLU B 87 -2.80 -8.96 26.60
CA GLU B 87 -3.23 -9.64 25.40
C GLU B 87 -2.18 -9.57 24.30
N ASP B 88 -1.06 -8.91 24.56
CA ASP B 88 0.05 -8.80 23.62
C ASP B 88 1.06 -9.93 23.77
N THR B 89 0.80 -10.90 24.65
CA THR B 89 1.66 -12.07 24.77
C THR B 89 1.62 -12.86 23.46
N ALA B 90 2.71 -12.84 22.71
CA ALA B 90 2.72 -13.34 21.35
C ALA B 90 4.15 -13.57 20.92
N MET B 91 4.33 -13.86 19.63
CA MET B 91 5.63 -14.00 18.99
C MET B 91 5.74 -12.94 17.91
N TYR B 92 6.85 -12.21 17.89
CA TYR B 92 7.01 -11.04 17.03
C TYR B 92 8.05 -11.33 15.95
N TYR B 93 7.70 -11.07 14.71
CA TYR B 93 8.62 -11.21 13.58
C TYR B 93 8.81 -9.87 12.91
N CYS B 94 10.05 -9.50 12.64
CA CYS B 94 10.32 -8.41 11.71
C CYS B 94 10.39 -8.98 10.29
N ALA B 95 9.89 -8.20 9.34
CA ALA B 95 9.70 -8.71 7.99
C ALA B 95 10.11 -7.66 6.97
N ARG B 96 10.33 -8.12 5.74
CA ARG B 96 10.70 -7.25 4.63
C ARG B 96 9.61 -7.30 3.57
N ASP B 97 8.36 -7.19 4.01
CA ASP B 97 7.20 -7.41 3.13
C ASP B 97 7.10 -6.28 2.12
N LEU B 98 7.57 -6.53 0.91
CA LEU B 98 7.30 -5.65 -0.21
C LEU B 98 5.84 -5.81 -0.64
N LEU B 99 5.35 -4.83 -1.40
CA LEU B 99 3.98 -4.93 -1.88
C LEU B 99 3.85 -5.79 -3.13
N GLU B 100 4.97 -6.21 -3.72
CA GLU B 100 4.98 -7.15 -4.83
C GLU B 100 5.72 -8.44 -4.48
N ALA B 101 5.86 -8.74 -3.19
CA ALA B 101 6.55 -9.93 -2.71
C ALA B 101 6.11 -10.18 -1.26
N GLY B 102 6.84 -11.07 -0.59
CA GLY B 102 6.63 -11.34 0.82
C GLY B 102 7.91 -11.20 1.61
N GLY B 103 9.05 -11.22 0.93
CA GLY B 103 10.32 -10.98 1.57
C GLY B 103 10.82 -12.15 2.40
N MET B 104 11.74 -11.83 3.31
CA MET B 104 12.37 -12.79 4.19
C MET B 104 11.91 -12.55 5.62
N ASP B 105 11.29 -13.57 6.22
CA ASP B 105 10.83 -13.48 7.60
C ASP B 105 11.96 -13.86 8.55
N VAL B 106 11.65 -13.99 9.83
CA VAL B 106 12.65 -14.04 10.89
C VAL B 106 12.25 -15.09 11.92
N TRP B 107 13.26 -15.69 12.57
CA TRP B 107 13.03 -16.66 13.64
C TRP B 107 12.08 -16.13 14.72
N GLY B 108 12.32 -14.90 15.18
CA GLY B 108 11.39 -14.26 16.09
C GLY B 108 11.56 -14.65 17.54
N GLN B 109 11.23 -13.73 18.44
CA GLN B 109 11.33 -13.97 19.87
C GLN B 109 9.94 -14.16 20.47
N GLY B 110 9.90 -14.63 21.71
CA GLY B 110 8.65 -14.78 22.43
C GLY B 110 8.47 -13.76 23.53
N THR B 111 7.57 -12.81 23.34
CA THR B 111 7.26 -11.80 24.34
C THR B 111 6.05 -12.25 25.14
N ALA B 112 6.23 -12.40 26.45
CA ALA B 112 5.17 -12.85 27.34
C ALA B 112 4.95 -11.83 28.44
N VAL B 113 3.70 -11.69 28.88
CA VAL B 113 3.32 -10.74 29.92
C VAL B 113 2.58 -11.51 31.00
N THR B 114 3.11 -11.48 32.22
CA THR B 114 2.47 -12.15 33.35
C THR B 114 2.84 -11.42 34.63
N VAL B 115 2.03 -11.63 35.66
CA VAL B 115 2.25 -11.01 36.96
C VAL B 115 3.05 -11.93 37.86
N GLU C 1 -10.71 -3.09 6.76
CA GLU C 1 -12.09 -2.91 6.34
C GLU C 1 -12.61 -4.15 5.64
N LEU C 2 -11.79 -5.19 5.58
CA LEU C 2 -12.14 -6.44 4.93
C LEU C 2 -11.87 -7.61 5.88
N VAL C 3 -12.54 -8.72 5.61
CA VAL C 3 -12.19 -10.01 6.21
C VAL C 3 -11.84 -10.96 5.07
N LEU C 4 -10.91 -11.86 5.35
CA LEU C 4 -10.39 -12.76 4.33
C LEU C 4 -10.69 -14.19 4.80
N THR C 5 -11.81 -14.73 4.35
CA THR C 5 -12.28 -16.03 4.80
C THR C 5 -11.64 -17.12 3.96
N GLN C 6 -11.05 -18.11 4.64
CA GLN C 6 -10.42 -19.25 3.99
C GLN C 6 -11.28 -20.48 4.24
N SER C 7 -11.71 -21.14 3.17
CA SER C 7 -12.54 -22.32 3.28
C SER C 7 -11.91 -23.49 2.52
N PRO C 8 -11.87 -24.68 3.13
CA PRO C 8 -12.31 -25.01 4.50
C PRO C 8 -11.24 -24.69 5.54
N GLY C 9 -11.60 -24.67 6.82
CA GLY C 9 -10.61 -24.41 7.86
C GLY C 9 -9.66 -25.56 8.11
N THR C 10 -10.05 -26.78 7.75
CA THR C 10 -9.17 -27.94 7.79
C THR C 10 -9.39 -28.76 6.53
N LEU C 11 -8.36 -29.47 6.11
CA LEU C 11 -8.42 -30.26 4.88
C LEU C 11 -7.56 -31.50 5.06
N SER C 12 -8.15 -32.67 4.90
CA SER C 12 -7.49 -33.96 5.14
C SER C 12 -6.96 -34.58 3.85
N LEU C 13 -5.83 -34.05 3.38
CA LEU C 13 -5.21 -34.54 2.16
C LEU C 13 -4.37 -35.79 2.43
N SER C 14 -4.37 -36.72 1.45
CA SER C 14 -3.50 -37.89 1.47
C SER C 14 -2.19 -37.58 0.75
N PRO C 15 -1.07 -38.19 1.16
CA PRO C 15 0.22 -37.88 0.54
C PRO C 15 0.24 -38.22 -0.95
N GLY C 16 0.93 -37.37 -1.71
CA GLY C 16 0.96 -37.49 -3.16
C GLY C 16 -0.37 -37.24 -3.83
N GLU C 17 -1.09 -36.20 -3.42
CA GLU C 17 -2.38 -35.86 -3.99
C GLU C 17 -2.48 -34.36 -4.22
N ARG C 18 -3.32 -33.98 -5.17
CA ARG C 18 -3.53 -32.57 -5.47
C ARG C 18 -4.32 -31.90 -4.35
N ALA C 19 -4.05 -30.61 -4.13
CA ALA C 19 -4.71 -29.83 -3.09
C ALA C 19 -5.17 -28.50 -3.67
N THR C 20 -6.41 -28.12 -3.36
CA THR C 20 -6.97 -26.84 -3.78
C THR C 20 -7.37 -26.07 -2.53
N LEU C 21 -6.78 -24.88 -2.34
CA LEU C 21 -7.09 -24.03 -1.22
C LEU C 21 -7.48 -22.65 -1.74
N SER C 22 -8.60 -22.13 -1.26
CA SER C 22 -9.14 -20.87 -1.75
C SER C 22 -9.48 -19.96 -0.57
N CYS C 23 -9.11 -18.69 -0.70
CA CYS C 23 -9.52 -17.66 0.25
C CYS C 23 -10.18 -16.53 -0.53
N ARG C 24 -11.36 -16.12 -0.09
CA ARG C 24 -12.21 -15.18 -0.80
C ARG C 24 -12.32 -13.89 -0.02
N ALA C 25 -12.06 -12.77 -0.68
CA ALA C 25 -12.20 -11.47 -0.07
C ALA C 25 -13.67 -11.11 0.10
N SER C 26 -13.93 -10.12 0.95
CA SER C 26 -15.30 -9.66 1.14
C SER C 26 -15.79 -8.83 -0.03
N LEU C 27 -14.88 -8.15 -0.73
CA LEU C 27 -15.21 -7.35 -1.89
C LEU C 27 -14.48 -7.90 -3.11
N SER C 28 -14.79 -7.31 -4.27
CA SER C 28 -14.15 -7.70 -5.53
C SER C 28 -12.85 -6.93 -5.67
N VAL C 29 -11.84 -7.41 -4.94
CA VAL C 29 -10.55 -6.73 -4.85
C VAL C 29 -9.66 -7.06 -6.04
N SER C 30 -8.58 -6.31 -6.20
CA SER C 30 -7.65 -6.52 -7.30
C SER C 30 -6.67 -7.65 -6.95
N SER C 31 -6.13 -8.27 -8.00
CA SER C 31 -5.22 -9.38 -7.84
C SER C 31 -3.78 -8.97 -7.58
N ASN C 32 -3.43 -7.69 -7.79
CA ASN C 32 -2.04 -7.26 -7.73
C ASN C 32 -1.58 -6.89 -6.33
N PHE C 33 -2.33 -7.28 -5.29
CA PHE C 33 -1.95 -6.91 -3.93
C PHE C 33 -2.13 -8.01 -2.89
N LEU C 34 -2.42 -9.23 -3.30
CA LEU C 34 -2.64 -10.32 -2.35
C LEU C 34 -1.58 -11.40 -2.55
N ALA C 35 -1.08 -11.93 -1.44
CA ALA C 35 -0.06 -12.96 -1.47
C ALA C 35 -0.40 -14.07 -0.49
N TRP C 36 -0.11 -15.31 -0.89
CA TRP C 36 -0.18 -16.46 -0.02
C TRP C 36 1.21 -16.84 0.43
N TYR C 37 1.35 -17.26 1.69
CA TYR C 37 2.63 -17.77 2.14
C TYR C 37 2.46 -18.77 3.28
N GLN C 38 3.44 -19.67 3.38
CA GLN C 38 3.44 -20.80 4.28
C GLN C 38 3.65 -20.36 5.72
N GLN C 39 3.45 -21.31 6.65
CA GLN C 39 3.87 -21.13 8.04
C GLN C 39 4.09 -22.52 8.61
N LYS C 40 5.35 -22.87 8.86
CA LYS C 40 5.68 -24.09 9.57
C LYS C 40 5.47 -23.88 11.07
N PRO C 41 5.11 -24.95 11.81
CA PRO C 41 4.83 -24.79 13.25
C PRO C 41 6.06 -24.42 14.07
N GLY C 42 6.07 -23.20 14.61
CA GLY C 42 7.15 -22.74 15.44
C GLY C 42 8.33 -22.13 14.70
N GLN C 43 8.29 -22.09 13.38
CA GLN C 43 9.39 -21.56 12.58
C GLN C 43 8.94 -20.28 11.88
N ALA C 44 9.84 -19.72 11.08
CA ALA C 44 9.54 -18.51 10.33
C ALA C 44 8.65 -18.85 9.14
N PRO C 45 7.65 -18.02 8.86
CA PRO C 45 6.86 -18.20 7.64
C PRO C 45 7.70 -17.97 6.39
N ARG C 46 7.40 -18.74 5.35
CA ARG C 46 8.11 -18.68 4.08
C ARG C 46 7.18 -18.18 3.00
N LEU C 47 7.69 -17.30 2.14
CA LEU C 47 6.94 -16.80 0.99
C LEU C 47 6.59 -17.94 0.04
N LEU C 48 5.38 -17.92 -0.49
CA LEU C 48 4.98 -18.88 -1.52
C LEU C 48 4.68 -18.21 -2.85
N VAL C 49 3.71 -17.29 -2.90
CA VAL C 49 3.34 -16.60 -4.13
C VAL C 49 3.17 -15.11 -3.82
N TYR C 50 3.22 -14.30 -4.87
CA TYR C 50 2.89 -12.89 -4.77
C TYR C 50 1.99 -12.51 -5.94
N GLY C 51 0.99 -11.66 -5.66
CA GLY C 51 0.04 -11.27 -6.66
C GLY C 51 -0.92 -12.35 -7.11
N ALA C 52 -0.89 -13.52 -6.47
CA ALA C 52 -1.75 -14.68 -6.77
C ALA C 52 -1.64 -15.16 -8.21
N SER C 53 -0.55 -14.82 -8.91
CA SER C 53 -0.39 -15.25 -10.30
C SER C 53 1.05 -15.61 -10.64
N SER C 54 1.91 -15.82 -9.65
CA SER C 54 3.32 -16.10 -9.91
C SER C 54 3.85 -16.99 -8.79
N ARG C 55 5.17 -17.22 -8.81
CA ARG C 55 5.84 -18.02 -7.81
C ARG C 55 6.87 -17.16 -7.07
N ALA C 56 7.66 -17.81 -6.22
CA ALA C 56 8.73 -17.16 -5.47
C ALA C 56 10.00 -17.98 -5.58
N THR C 57 11.10 -17.40 -5.10
CA THR C 57 12.40 -18.05 -5.20
C THR C 57 12.49 -19.24 -4.27
N ASP C 58 13.43 -20.15 -4.59
CA ASP C 58 13.68 -21.39 -3.85
C ASP C 58 12.42 -22.25 -3.74
N ILE C 59 11.64 -22.28 -4.82
CA ILE C 59 10.39 -23.03 -4.88
C ILE C 59 10.36 -23.79 -6.20
N PRO C 60 9.96 -25.07 -6.21
CA PRO C 60 10.00 -25.86 -7.45
C PRO C 60 8.96 -25.45 -8.50
N ASP C 61 8.18 -24.40 -8.26
CA ASP C 61 7.14 -23.90 -9.18
C ASP C 61 6.08 -24.96 -9.48
N ARG C 62 5.86 -25.88 -8.53
CA ARG C 62 4.80 -26.86 -8.63
C ARG C 62 3.51 -26.39 -7.97
N ILE C 63 3.51 -25.20 -7.39
CA ILE C 63 2.32 -24.61 -6.79
C ILE C 63 1.71 -23.64 -7.79
N SER C 64 0.43 -23.83 -8.08
CA SER C 64 -0.26 -23.02 -9.09
C SER C 64 -0.94 -21.85 -8.41
N GLY C 65 -0.51 -20.63 -8.74
CA GLY C 65 -1.16 -19.44 -8.23
C GLY C 65 -2.12 -18.85 -9.24
N SER C 66 -3.41 -18.85 -8.92
CA SER C 66 -4.43 -18.34 -9.82
C SER C 66 -5.47 -17.58 -9.00
N GLY C 67 -6.59 -17.28 -9.63
CA GLY C 67 -7.66 -16.56 -8.95
C GLY C 67 -8.08 -15.29 -9.68
N SER C 68 -9.36 -15.20 -10.02
CA SER C 68 -9.89 -14.04 -10.73
C SER C 68 -11.17 -13.58 -10.05
N GLY C 69 -11.28 -12.27 -9.84
CA GLY C 69 -12.48 -11.71 -9.26
C GLY C 69 -12.47 -11.69 -7.75
N THR C 70 -13.15 -12.66 -7.14
CA THR C 70 -13.27 -12.75 -5.70
C THR C 70 -12.67 -14.03 -5.13
N ASP C 71 -12.87 -15.17 -5.79
CA ASP C 71 -12.37 -16.45 -5.29
C ASP C 71 -10.95 -16.65 -5.80
N PHE C 72 -9.99 -16.50 -4.90
CA PHE C 72 -8.57 -16.67 -5.23
C PHE C 72 -8.13 -18.04 -4.75
N THR C 73 -7.83 -18.93 -5.69
CA THR C 73 -7.58 -20.33 -5.41
C THR C 73 -6.10 -20.65 -5.57
N LEU C 74 -5.54 -21.38 -4.61
CA LEU C 74 -4.20 -21.93 -4.71
C LEU C 74 -4.32 -23.41 -5.04
N ASN C 75 -3.70 -23.82 -6.15
CA ASN C 75 -3.70 -25.21 -6.57
C ASN C 75 -2.30 -25.79 -6.34
N ILE C 76 -2.24 -26.92 -5.64
CA ILE C 76 -1.00 -27.61 -5.35
C ILE C 76 -1.03 -28.94 -6.08
N SER C 77 -0.05 -29.16 -6.97
CA SER C 77 -0.07 -30.36 -7.79
C SER C 77 0.52 -31.56 -7.04
N ARG C 78 1.79 -31.48 -6.67
CA ARG C 78 2.47 -32.53 -5.92
C ARG C 78 2.74 -32.05 -4.51
N LEU C 79 2.77 -32.97 -3.56
CA LEU C 79 3.04 -32.63 -2.17
C LEU C 79 3.95 -33.67 -1.54
N GLU C 80 4.73 -33.23 -0.56
CA GLU C 80 5.79 -33.97 0.09
C GLU C 80 5.57 -33.91 1.59
N PRO C 81 6.14 -34.84 2.35
CA PRO C 81 5.99 -34.79 3.82
C PRO C 81 6.55 -33.54 4.48
N GLU C 82 7.47 -32.82 3.83
CA GLU C 82 8.00 -31.58 4.39
C GLU C 82 7.09 -30.38 4.15
N ASP C 83 6.02 -30.53 3.38
CA ASP C 83 5.19 -29.40 2.98
C ASP C 83 3.83 -29.36 3.67
N PHE C 84 3.62 -30.19 4.70
CA PHE C 84 2.39 -30.09 5.49
C PHE C 84 2.56 -28.96 6.49
N ALA C 85 1.92 -27.82 6.19
CA ALA C 85 1.97 -26.66 7.05
C ALA C 85 0.75 -25.81 6.76
N VAL C 86 0.47 -24.87 7.67
CA VAL C 86 -0.71 -24.01 7.53
C VAL C 86 -0.41 -22.90 6.54
N TYR C 87 -1.47 -22.37 5.92
CA TYR C 87 -1.36 -21.40 4.85
C TYR C 87 -2.14 -20.14 5.21
N TYR C 88 -1.48 -18.98 5.10
CA TYR C 88 -2.12 -17.70 5.29
C TYR C 88 -2.11 -16.91 3.99
N CYS C 89 -3.21 -16.23 3.69
CA CYS C 89 -3.27 -15.29 2.58
C CYS C 89 -3.43 -13.88 3.14
N GLN C 90 -2.61 -12.96 2.65
CA GLN C 90 -2.56 -11.59 3.12
C GLN C 90 -2.96 -10.65 1.99
N TYR C 91 -3.87 -9.73 2.29
CA TYR C 91 -4.21 -8.66 1.37
C TYR C 91 -3.62 -7.35 1.86
N SER C 92 -3.00 -6.60 0.95
CA SER C 92 -2.28 -5.37 1.31
C SER C 92 -2.60 -4.29 0.28
N ASP C 93 -3.68 -3.53 0.54
CA ASP C 93 -4.07 -2.47 -0.37
C ASP C 93 -3.11 -1.28 -0.31
N GLY C 94 -2.70 -0.90 0.89
CA GLY C 94 -2.06 0.37 1.14
C GLY C 94 -2.88 1.29 2.02
N SER C 95 -4.14 0.97 2.24
CA SER C 95 -4.98 1.70 3.19
C SER C 95 -5.67 0.69 4.10
N SER C 96 -5.87 -0.54 3.60
CA SER C 96 -6.42 -1.63 4.39
C SER C 96 -5.55 -2.86 4.16
N TRP C 97 -5.06 -3.44 5.24
CA TRP C 97 -4.08 -4.51 5.21
C TRP C 97 -4.54 -5.67 6.09
N THR C 98 -5.78 -6.09 5.92
CA THR C 98 -6.32 -7.19 6.71
C THR C 98 -5.61 -8.50 6.36
N PHE C 99 -5.74 -9.47 7.25
CA PHE C 99 -5.00 -10.71 7.16
C PHE C 99 -6.02 -11.86 7.03
N GLY C 100 -5.53 -13.09 7.11
CA GLY C 100 -6.41 -14.25 7.01
C GLY C 100 -6.17 -15.23 8.14
N GLN C 101 -7.06 -16.21 8.22
CA GLN C 101 -6.98 -17.28 9.21
C GLN C 101 -6.48 -18.54 8.53
N GLY C 102 -5.47 -19.18 9.12
CA GLY C 102 -4.81 -20.30 8.46
C GLY C 102 -5.65 -21.56 8.47
N THR C 103 -5.29 -22.47 7.56
CA THR C 103 -5.92 -23.77 7.46
C THR C 103 -4.88 -24.85 7.77
N ARG C 104 -5.15 -25.66 8.79
CA ARG C 104 -4.25 -26.73 9.16
C ARG C 104 -4.28 -27.84 8.10
N LEU C 105 -3.10 -28.33 7.73
CA LEU C 105 -2.97 -29.40 6.76
C LEU C 105 -2.33 -30.61 7.43
N GLU C 106 -2.97 -31.77 7.28
CA GLU C 106 -2.46 -33.00 7.86
C GLU C 106 -3.02 -34.17 7.08
N ILE C 107 -2.42 -35.34 7.28
CA ILE C 107 -2.85 -36.56 6.60
C ILE C 107 -4.20 -37.02 7.11
#